data_6V2W
#
_entry.id   6V2W
#
_cell.length_a   116.278
_cell.length_b   116.278
_cell.length_c   129.739
_cell.angle_alpha   90.000
_cell.angle_beta   90.000
_cell.angle_gamma   120.000
#
_symmetry.space_group_name_H-M   'P 31 2 1'
#
loop_
_entity.id
_entity.type
_entity.pdbx_description
1 polymer 'Serine/threonine-protein kinase B-raf'
2 polymer 'Dual specificity mitogen-activated protein kinase kinase 1'
3 non-polymer 'PHOSPHOAMINOPHOSPHONIC ACID-ADENYLATE ESTER'
4 non-polymer 'MAGNESIUM ION'
#
loop_
_entity_poly.entity_id
_entity_poly.type
_entity_poly.pdbx_seq_one_letter_code
_entity_poly.pdbx_strand_id
1 'polypeptide(L)'
;GGGRDSSDDWEIPDGQITVGQRIGSGSFGTVYKGKWHGDVAVKMLNVTAPTPQQLQAFKNEVGVLRKTRHVNILLFMGYS
TKPQLAIVTQWCEGSSLYHHLHIIETKFEMIKLIDIARQTAQGMDYLHAKSIIHRDLKSNNIFLHEDLTVKIGDFGLATV
KSRWSGSHQFEQLSGSILWMAPEVIRMQDKNPYSFQSDVYAFGIVLYELMTGQLPYSNINNRDQIIFMVGRGYLSPDLSK
VRSNCPKAMKRLMAECLKKKRDERPLFPQILASIELLARSLPK
;
A
2 'polypeptide(L)'
;GGGRMPKKKPTPIQLNPAPDGSAVNGTSSAETNLEALQKKLEELELDEQQRKRLEAFLTQKQKVGELKDDDFEKISELGA
GNGGVVFKVSHKPSGLVMARKLIHLEIKPAIRNQIIRELQVLHECNSPYIVGFYGAFYSDGEISICMEHMDGGSLDQVLK
KAGRIPEQILGKVSIAVIKGLTYLREKHKIMHRDVKPSNILVNSRGEIKLCDFGVSGQLIDAMANAFVGTRSYMSPERLQ
GTHYSVQSDIWSMGLSLVEMAVGRYPIPPPDAKELELMFGCQVEGDAAETPPRPRTPGRPLSSYGMDSRPPMAIFELLDY
IVNEPPPKLPSGVFSLEFQDFVNKCLIKNPAERADLKQLMVHAFIKRSDAEEVDFAGWLCSTIGLNQPSTPTHAAGV
;
B
#
# COMPACT_ATOMS: atom_id res chain seq x y z
N SER A 7 -21.43 18.39 28.56
CA SER A 7 -21.76 16.98 28.39
C SER A 7 -20.54 16.10 28.68
N ASP A 8 -20.76 14.79 28.82
CA ASP A 8 -19.67 13.89 29.18
C ASP A 8 -19.80 12.53 28.51
N ASP A 9 -20.33 11.55 29.23
CA ASP A 9 -20.24 10.16 28.79
C ASP A 9 -20.97 9.90 27.49
N TRP A 10 -20.25 10.06 26.37
CA TRP A 10 -20.75 9.77 25.04
C TRP A 10 -20.52 8.32 24.63
N GLU A 11 -20.38 7.40 25.59
CA GLU A 11 -19.97 6.04 25.33
C GLU A 11 -21.18 5.11 25.25
N ILE A 12 -21.32 4.42 24.12
CA ILE A 12 -22.34 3.40 23.90
C ILE A 12 -21.86 2.12 24.56
N PRO A 13 -22.71 1.41 25.27
CA PRO A 13 -22.34 0.13 25.89
C PRO A 13 -22.41 -1.00 24.87
N ASP A 14 -22.02 -2.19 25.32
CA ASP A 14 -22.14 -3.40 24.54
C ASP A 14 -23.61 -3.83 24.43
N GLY A 15 -23.87 -4.77 23.52
CA GLY A 15 -25.21 -5.26 23.34
C GLY A 15 -26.20 -4.25 22.81
N GLN A 16 -25.72 -3.08 22.39
CA GLN A 16 -26.57 -2.04 21.83
C GLN A 16 -26.39 -1.85 20.33
N ILE A 17 -25.33 -2.40 19.75
CA ILE A 17 -24.97 -2.15 18.35
C ILE A 17 -24.95 -3.49 17.63
N THR A 18 -26.01 -3.78 16.87
CA THR A 18 -26.04 -4.98 16.03
C THR A 18 -25.04 -4.82 14.89
N VAL A 19 -23.80 -5.25 15.12
CA VAL A 19 -22.79 -5.20 14.07
C VAL A 19 -23.22 -6.11 12.93
N GLY A 20 -23.29 -5.56 11.73
CA GLY A 20 -23.71 -6.32 10.57
C GLY A 20 -22.57 -6.68 9.64
N GLN A 21 -22.77 -6.46 8.35
CA GLN A 21 -21.83 -6.92 7.34
C GLN A 21 -20.54 -6.11 7.37
N ARG A 22 -19.43 -6.77 7.08
CA ARG A 22 -18.17 -6.06 6.90
C ARG A 22 -18.22 -5.27 5.60
N ILE A 23 -17.95 -3.97 5.70
CA ILE A 23 -18.02 -3.10 4.53
C ILE A 23 -16.63 -2.94 3.92
N GLY A 24 -15.67 -2.48 4.71
CA GLY A 24 -14.32 -2.29 4.20
C GLY A 24 -13.44 -1.63 5.24
N SER A 25 -12.15 -1.61 4.93
CA SER A 25 -11.14 -1.03 5.80
C SER A 25 -10.52 0.20 5.13
N GLY A 26 -10.02 1.11 5.96
CA GLY A 26 -9.44 2.34 5.46
C GLY A 26 -8.09 2.63 6.09
N SER A 27 -7.77 3.91 6.19
CA SER A 27 -6.46 4.30 6.71
C SER A 27 -6.33 4.08 8.21
N PHE A 28 -7.45 3.99 8.93
CA PHE A 28 -7.35 3.83 10.38
C PHE A 28 -8.51 3.04 10.98
N GLY A 29 -9.26 2.29 10.19
CA GLY A 29 -10.34 1.51 10.77
C GLY A 29 -10.92 0.54 9.76
N THR A 30 -11.95 -0.17 10.20
CA THR A 30 -12.69 -1.11 9.38
C THR A 30 -14.17 -0.93 9.65
N VAL A 31 -14.94 -0.69 8.59
CA VAL A 31 -16.33 -0.27 8.71
C VAL A 31 -17.25 -1.47 8.61
N TYR A 32 -18.23 -1.55 9.52
CA TYR A 32 -19.34 -2.49 9.45
C TYR A 32 -20.64 -1.70 9.50
N LYS A 33 -21.65 -2.19 8.79
CA LYS A 33 -22.98 -1.57 8.86
C LYS A 33 -23.70 -2.13 10.08
N GLY A 34 -23.79 -1.31 11.14
CA GLY A 34 -24.47 -1.71 12.35
C GLY A 34 -25.83 -1.06 12.50
N LYS A 35 -26.66 -1.66 13.34
CA LYS A 35 -27.94 -1.11 13.72
C LYS A 35 -27.85 -0.48 15.10
N TRP A 36 -28.42 0.71 15.26
CA TRP A 36 -28.43 1.41 16.54
C TRP A 36 -29.43 2.56 16.47
N HIS A 37 -30.70 2.26 16.79
CA HIS A 37 -31.80 3.18 16.56
C HIS A 37 -31.79 3.65 15.10
N GLY A 38 -31.80 2.66 14.21
CA GLY A 38 -31.60 2.89 12.80
C GLY A 38 -30.20 2.47 12.35
N ASP A 39 -30.01 2.49 11.04
CA ASP A 39 -28.73 2.08 10.47
C ASP A 39 -27.64 3.08 10.84
N VAL A 40 -26.50 2.55 11.31
CA VAL A 40 -25.33 3.36 11.61
C VAL A 40 -24.12 2.70 10.96
N ALA A 41 -22.99 3.38 11.04
CA ALA A 41 -21.73 2.88 10.51
C ALA A 41 -20.74 2.75 11.66
N VAL A 42 -20.30 1.53 11.92
CA VAL A 42 -19.42 1.22 13.04
C VAL A 42 -18.03 0.96 12.48
N LYS A 43 -17.10 1.87 12.75
CA LYS A 43 -15.72 1.74 12.30
C LYS A 43 -14.88 1.21 13.46
N MET A 44 -14.46 -0.04 13.37
CA MET A 44 -13.56 -0.63 14.37
C MET A 44 -12.18 -0.05 14.18
N LEU A 45 -11.71 0.73 15.15
CA LEU A 45 -10.42 1.38 15.05
C LEU A 45 -9.29 0.35 15.08
N ASN A 46 -8.17 0.71 14.43
CA ASN A 46 -7.02 -0.19 14.43
C ASN A 46 -6.33 -0.19 15.77
N VAL A 47 -6.46 0.89 16.54
CA VAL A 47 -5.94 0.93 17.91
C VAL A 47 -6.95 0.24 18.82
N THR A 48 -6.94 -1.09 18.81
CA THR A 48 -7.89 -1.83 19.64
C THR A 48 -7.48 -1.81 21.11
N ALA A 49 -6.18 -1.79 21.40
CA ALA A 49 -5.64 -1.71 22.75
C ALA A 49 -5.08 -0.32 22.98
N PRO A 50 -5.86 0.61 23.54
CA PRO A 50 -5.37 1.98 23.72
C PRO A 50 -4.86 2.24 25.14
N THR A 51 -3.96 3.23 25.27
CA THR A 51 -3.43 3.61 26.57
C THR A 51 -4.34 4.64 27.24
N PRO A 52 -4.43 4.60 28.57
CA PRO A 52 -5.30 5.57 29.27
C PRO A 52 -4.92 7.03 29.06
N GLN A 53 -3.75 7.31 28.49
CA GLN A 53 -3.41 8.66 28.08
C GLN A 53 -3.95 8.99 26.70
N GLN A 54 -3.79 8.05 25.76
CA GLN A 54 -4.47 8.15 24.47
C GLN A 54 -5.98 8.12 24.65
N LEU A 55 -6.47 7.22 25.50
CA LEU A 55 -7.91 7.02 25.66
C LEU A 55 -8.61 8.29 26.13
N GLN A 56 -7.94 9.08 26.98
CA GLN A 56 -8.57 10.30 27.47
C GLN A 56 -8.52 11.42 26.44
N ALA A 57 -7.52 11.43 25.56
CA ALA A 57 -7.52 12.39 24.47
C ALA A 57 -8.60 12.07 23.45
N PHE A 58 -8.82 10.78 23.18
CA PHE A 58 -9.92 10.37 22.31
C PHE A 58 -11.25 10.84 22.87
N LYS A 59 -11.51 10.60 24.15
CA LYS A 59 -12.73 11.07 24.78
C LYS A 59 -12.85 12.59 24.72
N ASN A 60 -11.72 13.30 24.69
CA ASN A 60 -11.76 14.75 24.58
C ASN A 60 -12.10 15.19 23.16
N GLU A 61 -11.55 14.50 22.15
CA GLU A 61 -11.83 14.87 20.77
C GLU A 61 -13.24 14.46 20.34
N VAL A 62 -13.77 13.36 20.89
CA VAL A 62 -15.16 13.00 20.67
C VAL A 62 -16.09 14.08 21.23
N GLY A 63 -15.67 14.78 22.29
CA GLY A 63 -16.46 15.87 22.82
C GLY A 63 -16.69 17.01 21.83
N VAL A 64 -15.68 17.33 21.01
CA VAL A 64 -15.81 18.35 19.97
C VAL A 64 -16.59 17.81 18.76
N LEU A 65 -16.25 16.60 18.30
CA LEU A 65 -16.95 16.02 17.17
C LEU A 65 -18.41 15.81 17.47
N ARG A 66 -18.75 15.56 18.74
CA ARG A 66 -20.16 15.36 19.06
C ARG A 66 -20.94 16.66 19.06
N LYS A 67 -20.25 17.80 19.09
CA LYS A 67 -20.89 19.11 19.12
C LYS A 67 -20.94 19.75 17.73
N THR A 68 -20.98 18.93 16.68
CA THR A 68 -20.98 19.38 15.30
C THR A 68 -22.31 19.03 14.64
N ARG A 69 -22.96 20.03 14.04
CA ARG A 69 -24.27 19.84 13.37
C ARG A 69 -24.34 20.71 12.11
N HIS A 70 -24.09 20.11 10.94
CA HIS A 70 -24.14 20.83 9.69
C HIS A 70 -24.71 19.90 8.62
N VAL A 71 -25.45 20.50 7.68
CA VAL A 71 -26.12 19.74 6.63
C VAL A 71 -25.11 18.97 5.78
N ASN A 72 -23.88 19.47 5.68
CA ASN A 72 -22.85 18.85 4.86
C ASN A 72 -21.84 18.06 5.70
N ILE A 73 -22.17 17.71 6.93
CA ILE A 73 -21.29 16.97 7.82
C ILE A 73 -22.01 15.70 8.26
N LEU A 74 -21.31 14.56 8.18
CA LEU A 74 -21.85 13.32 8.72
C LEU A 74 -21.98 13.41 10.23
N LEU A 75 -23.12 12.96 10.76
CA LEU A 75 -23.35 13.04 12.18
C LEU A 75 -22.44 12.07 12.93
N PHE A 76 -21.91 12.52 14.05
CA PHE A 76 -21.02 11.73 14.90
C PHE A 76 -21.81 11.35 16.15
N MET A 77 -22.09 10.06 16.30
CA MET A 77 -23.01 9.57 17.31
C MET A 77 -22.31 8.94 18.51
N GLY A 78 -21.04 9.25 18.73
CA GLY A 78 -20.32 8.68 19.85
C GLY A 78 -19.47 7.49 19.46
N TYR A 79 -19.11 6.71 20.46
CA TYR A 79 -18.15 5.62 20.30
C TYR A 79 -18.52 4.47 21.25
N SER A 80 -17.64 3.47 21.32
CA SER A 80 -17.87 2.29 22.20
C SER A 80 -16.53 1.72 22.68
N THR A 81 -16.55 1.01 23.82
CA THR A 81 -15.32 0.40 24.39
C THR A 81 -15.65 -0.98 24.95
N LYS A 82 -16.65 -1.65 24.36
CA LYS A 82 -17.06 -3.01 24.81
C LYS A 82 -16.10 -4.05 24.20
N PRO A 83 -16.49 -4.76 23.12
CA PRO A 83 -15.61 -5.75 22.49
C PRO A 83 -14.25 -5.13 22.15
N GLN A 84 -14.28 -3.94 21.52
CA GLN A 84 -13.03 -3.22 21.14
C GLN A 84 -13.39 -1.78 20.77
N LEU A 85 -12.44 -0.84 20.94
CA LEU A 85 -12.67 0.58 20.62
C LEU A 85 -13.21 0.70 19.20
N ALA A 86 -14.31 1.42 19.05
CA ALA A 86 -15.00 1.61 17.78
C ALA A 86 -15.62 3.00 17.74
N ILE A 87 -16.05 3.38 16.54
CA ILE A 87 -16.65 4.69 16.27
C ILE A 87 -18.00 4.46 15.61
N VAL A 88 -19.01 5.20 16.06
CA VAL A 88 -20.37 5.08 15.54
C VAL A 88 -20.73 6.39 14.84
N THR A 89 -21.02 6.31 13.54
CA THR A 89 -21.40 7.47 12.74
C THR A 89 -22.67 7.15 11.96
N GLN A 90 -23.20 8.20 11.34
CA GLN A 90 -24.35 8.07 10.44
C GLN A 90 -24.04 7.09 9.31
N TRP A 91 -25.01 6.25 8.98
CA TRP A 91 -24.87 5.37 7.81
C TRP A 91 -25.34 6.12 6.56
N CYS A 92 -24.57 5.96 5.49
CA CYS A 92 -24.81 6.68 4.24
C CYS A 92 -25.32 5.74 3.16
N GLU A 93 -26.45 6.11 2.55
CA GLU A 93 -26.91 5.40 1.38
C GLU A 93 -26.10 5.81 0.15
N GLY A 94 -26.32 5.08 -0.94
CA GLY A 94 -25.61 5.43 -2.15
C GLY A 94 -24.11 5.19 -2.06
N SER A 95 -23.42 5.63 -3.10
CA SER A 95 -21.99 5.45 -3.24
C SER A 95 -21.25 6.74 -2.85
N SER A 96 -19.96 6.58 -2.55
CA SER A 96 -19.13 7.74 -2.26
C SER A 96 -18.76 8.46 -3.56
N LEU A 97 -18.18 9.66 -3.41
CA LEU A 97 -17.78 10.42 -4.59
C LEU A 97 -16.71 9.67 -5.38
N TYR A 98 -15.83 8.96 -4.68
CA TYR A 98 -14.81 8.18 -5.37
C TYR A 98 -15.44 7.11 -6.25
N HIS A 99 -16.50 6.46 -5.77
CA HIS A 99 -17.16 5.44 -6.58
C HIS A 99 -17.79 6.04 -7.81
N HIS A 100 -18.43 7.20 -7.67
CA HIS A 100 -19.08 7.84 -8.80
C HIS A 100 -18.05 8.28 -9.84
N LEU A 101 -16.95 8.89 -9.40
CA LEU A 101 -16.01 9.49 -10.33
C LEU A 101 -15.07 8.47 -10.96
N HIS A 102 -14.70 7.42 -10.23
CA HIS A 102 -13.62 6.56 -10.67
C HIS A 102 -14.00 5.10 -10.82
N ILE A 103 -15.22 4.69 -10.47
CA ILE A 103 -15.61 3.30 -10.57
C ILE A 103 -16.87 3.17 -11.39
N ILE A 104 -17.97 3.74 -10.89
CA ILE A 104 -19.22 3.72 -11.64
C ILE A 104 -19.11 4.64 -12.86
N GLU A 105 -18.22 5.64 -12.79
CA GLU A 105 -18.07 6.65 -13.83
C GLU A 105 -19.40 7.34 -14.13
N THR A 106 -20.08 7.73 -13.05
CA THR A 106 -21.30 8.52 -13.18
C THR A 106 -20.99 9.84 -13.88
N LYS A 107 -21.89 10.27 -14.75
CA LYS A 107 -21.66 11.43 -15.60
C LYS A 107 -22.55 12.58 -15.14
N PHE A 108 -21.92 13.60 -14.56
CA PHE A 108 -22.61 14.82 -14.14
C PHE A 108 -22.34 15.94 -15.13
N GLU A 109 -23.23 16.94 -15.12
CA GLU A 109 -22.96 18.18 -15.83
C GLU A 109 -22.09 19.08 -14.96
N MET A 110 -21.55 20.14 -15.58
CA MET A 110 -20.76 21.10 -14.82
C MET A 110 -21.59 21.79 -13.75
N ILE A 111 -22.89 21.98 -14.00
CA ILE A 111 -23.77 22.56 -13.00
C ILE A 111 -23.76 21.71 -11.74
N LYS A 112 -23.88 20.39 -11.91
CA LYS A 112 -23.91 19.49 -10.76
C LYS A 112 -22.53 19.36 -10.12
N LEU A 113 -21.48 19.35 -10.94
CA LEU A 113 -20.12 19.19 -10.41
C LEU A 113 -19.73 20.36 -9.54
N ILE A 114 -20.01 21.59 -10.00
CA ILE A 114 -19.73 22.77 -9.18
C ILE A 114 -20.54 22.73 -7.89
N ASP A 115 -21.79 22.24 -7.97
CA ASP A 115 -22.64 22.18 -6.79
C ASP A 115 -22.05 21.25 -5.74
N ILE A 116 -21.55 20.09 -6.16
CA ILE A 116 -20.84 19.22 -5.23
C ILE A 116 -19.65 19.94 -4.62
N ALA A 117 -18.89 20.68 -5.44
CA ALA A 117 -17.77 21.42 -4.92
C ALA A 117 -18.20 22.54 -4.00
N ARG A 118 -19.38 23.13 -4.25
CA ARG A 118 -19.87 24.19 -3.39
C ARG A 118 -20.24 23.65 -2.01
N GLN A 119 -21.01 22.58 -1.96
CA GLN A 119 -21.43 22.01 -0.68
C GLN A 119 -20.25 21.47 0.12
N THR A 120 -19.21 20.98 -0.57
CA THR A 120 -18.04 20.48 0.14
C THR A 120 -17.30 21.61 0.84
N ALA A 121 -17.15 22.75 0.17
CA ALA A 121 -16.60 23.93 0.82
C ALA A 121 -17.53 24.42 1.92
N GLN A 122 -18.84 24.22 1.75
CA GLN A 122 -19.81 24.61 2.77
C GLN A 122 -19.54 23.87 4.08
N GLY A 123 -19.47 22.54 4.01
CA GLY A 123 -19.20 21.76 5.21
C GLY A 123 -17.80 21.95 5.74
N MET A 124 -16.82 22.07 4.83
CA MET A 124 -15.44 22.27 5.27
C MET A 124 -15.28 23.61 5.98
N ASP A 125 -15.95 24.65 5.48
CA ASP A 125 -15.86 25.96 6.12
C ASP A 125 -16.45 25.91 7.53
N TYR A 126 -17.50 25.11 7.74
CA TYR A 126 -18.04 24.90 9.07
C TYR A 126 -16.98 24.29 10.00
N LEU A 127 -16.29 23.27 9.51
CA LEU A 127 -15.28 22.59 10.34
C LEU A 127 -14.16 23.54 10.74
N HIS A 128 -13.68 24.36 9.79
CA HIS A 128 -12.65 25.33 10.13
C HIS A 128 -13.21 26.46 10.99
N ALA A 129 -14.50 26.78 10.83
CA ALA A 129 -15.11 27.76 11.71
C ALA A 129 -15.09 27.28 13.16
N LYS A 130 -15.32 26.00 13.37
CA LYS A 130 -15.18 25.39 14.69
C LYS A 130 -13.76 24.89 14.94
N SER A 131 -12.79 25.29 14.11
CA SER A 131 -11.37 24.97 14.30
C SER A 131 -11.13 23.47 14.39
N ILE A 132 -11.61 22.75 13.37
CA ILE A 132 -11.43 21.31 13.26
C ILE A 132 -10.69 21.03 11.95
N ILE A 133 -9.53 20.41 12.05
CA ILE A 133 -8.77 19.99 10.88
C ILE A 133 -9.26 18.61 10.46
N HIS A 134 -9.60 18.47 9.17
CA HIS A 134 -10.14 17.20 8.70
C HIS A 134 -9.07 16.10 8.69
N ARG A 135 -7.87 16.44 8.21
CA ARG A 135 -6.73 15.54 8.17
C ARG A 135 -6.93 14.35 7.23
N ASP A 136 -8.01 14.35 6.45
CA ASP A 136 -8.32 13.18 5.63
C ASP A 136 -9.33 13.49 4.54
N LEU A 137 -9.43 14.75 4.12
CA LEU A 137 -10.39 15.10 3.08
C LEU A 137 -10.00 14.46 1.77
N LYS A 138 -10.93 13.71 1.18
CA LYS A 138 -10.73 12.99 -0.07
C LYS A 138 -12.09 12.50 -0.55
N SER A 139 -12.16 12.20 -1.85
CA SER A 139 -13.44 11.77 -2.43
C SER A 139 -13.97 10.50 -1.78
N ASN A 140 -13.09 9.70 -1.17
CA ASN A 140 -13.54 8.51 -0.46
C ASN A 140 -14.35 8.87 0.77
N ASN A 141 -14.08 10.02 1.38
CA ASN A 141 -14.78 10.47 2.58
C ASN A 141 -15.86 11.49 2.26
N ILE A 142 -16.37 11.50 1.03
CA ILE A 142 -17.48 12.37 0.64
C ILE A 142 -18.54 11.50 0.00
N PHE A 143 -19.74 11.53 0.56
CA PHE A 143 -20.86 10.74 0.06
C PHE A 143 -21.92 11.67 -0.52
N LEU A 144 -22.70 11.15 -1.48
CA LEU A 144 -23.82 11.87 -2.04
C LEU A 144 -25.10 11.27 -1.48
N HIS A 145 -25.71 11.97 -0.53
CA HIS A 145 -26.86 11.46 0.21
C HIS A 145 -28.10 11.53 -0.68
N GLU A 146 -28.63 10.36 -1.04
CA GLU A 146 -29.79 10.27 -1.93
C GLU A 146 -29.55 11.04 -3.23
N ASP A 147 -28.28 11.08 -3.65
CA ASP A 147 -27.85 11.79 -4.86
C ASP A 147 -28.25 13.26 -4.82
N LEU A 148 -28.03 13.90 -3.67
CA LEU A 148 -28.43 15.29 -3.49
C LEU A 148 -27.43 16.05 -2.64
N THR A 149 -27.42 15.76 -1.34
CA THR A 149 -26.64 16.52 -0.37
C THR A 149 -25.27 15.87 -0.16
N VAL A 150 -24.25 16.73 -0.06
CA VAL A 150 -22.87 16.27 0.16
C VAL A 150 -22.66 16.07 1.65
N LYS A 151 -22.08 14.92 2.01
CA LYS A 151 -21.83 14.57 3.41
C LYS A 151 -20.35 14.23 3.58
N ILE A 152 -19.63 15.07 4.31
CA ILE A 152 -18.22 14.86 4.60
C ILE A 152 -18.10 14.00 5.85
N GLY A 153 -17.20 13.02 5.80
CA GLY A 153 -17.00 12.10 6.91
C GLY A 153 -15.53 11.86 7.21
N ASP A 154 -15.30 11.09 8.27
CA ASP A 154 -13.95 10.70 8.70
C ASP A 154 -13.07 11.91 8.99
N PHE A 155 -13.65 12.98 9.53
CA PHE A 155 -12.91 14.20 9.82
C PHE A 155 -12.39 14.16 11.26
N GLY A 156 -11.37 14.98 11.50
CA GLY A 156 -10.78 15.05 12.84
C GLY A 156 -10.16 13.73 13.23
N LEU A 157 -10.39 13.33 14.49
CA LEU A 157 -9.94 12.05 15.02
C LEU A 157 -8.43 11.88 14.90
N ALA A 158 -7.70 12.95 15.23
CA ALA A 158 -6.25 12.91 15.12
C ALA A 158 -5.64 11.88 16.05
N THR A 159 -6.26 11.68 17.23
CA THR A 159 -5.67 10.87 18.28
C THR A 159 -5.84 9.37 18.06
N VAL A 160 -6.72 8.95 17.15
CA VAL A 160 -6.83 7.53 16.81
C VAL A 160 -6.05 7.17 15.56
N LYS A 161 -5.45 8.16 14.91
CA LYS A 161 -4.42 7.94 13.91
C LYS A 161 -3.06 8.17 14.57
N SER A 162 -2.04 7.49 14.05
CA SER A 162 -0.70 7.53 14.63
C SER A 162 -0.72 7.02 16.07
N ARG A 163 -0.59 5.70 16.23
CA ARG A 163 -0.61 5.08 17.55
C ARG A 163 0.41 5.73 18.47
N TRP A 164 0.03 5.90 19.73
CA TRP A 164 0.86 6.62 20.68
C TRP A 164 1.93 5.73 21.28
N SER A 165 2.96 6.37 21.85
CA SER A 165 4.02 5.69 22.58
C SER A 165 3.67 5.54 24.06
N GLY A 166 3.32 6.66 24.69
CA GLY A 166 2.81 6.68 26.05
C GLY A 166 2.14 8.02 26.27
N SER A 167 2.83 9.09 25.88
CA SER A 167 2.22 10.41 25.94
C SER A 167 2.65 11.23 24.73
N HIS A 168 2.73 10.60 23.57
CA HIS A 168 3.20 11.22 22.34
C HIS A 168 2.37 10.72 21.17
N GLN A 169 2.07 11.64 20.23
CA GLN A 169 1.34 11.30 19.01
C GLN A 169 2.05 11.91 17.80
N PHE A 170 3.29 11.47 17.57
CA PHE A 170 3.94 11.76 16.30
C PHE A 170 3.15 11.11 15.19
N GLU A 171 2.56 11.92 14.32
CA GLU A 171 1.80 11.36 13.21
C GLU A 171 2.71 10.61 12.26
N GLN A 172 2.93 9.32 12.52
CA GLN A 172 3.40 8.46 11.45
C GLN A 172 2.38 8.60 10.34
N LEU A 173 2.74 9.41 9.34
CA LEU A 173 1.82 9.81 8.28
C LEU A 173 1.05 8.62 7.72
N SER A 174 -0.26 8.74 7.67
CA SER A 174 -1.09 7.71 7.07
C SER A 174 -2.29 8.38 6.42
N GLY A 175 -3.03 7.58 5.66
CA GLY A 175 -4.01 8.09 4.72
C GLY A 175 -3.53 7.81 3.31
N SER A 176 -4.26 8.35 2.34
CA SER A 176 -3.89 8.19 0.94
C SER A 176 -3.04 9.36 0.51
N ILE A 177 -1.95 9.07 -0.21
CA ILE A 177 -0.95 10.09 -0.52
C ILE A 177 -1.43 11.12 -1.53
N LEU A 178 -2.40 10.78 -2.37
CA LEU A 178 -2.78 11.65 -3.49
C LEU A 178 -3.35 12.99 -3.02
N TRP A 179 -3.95 13.01 -1.83
CA TRP A 179 -4.53 14.23 -1.27
C TRP A 179 -3.63 14.93 -0.25
N MET A 180 -2.48 14.35 0.09
CA MET A 180 -1.62 14.92 1.12
C MET A 180 -0.86 16.12 0.59
N ALA A 181 -0.91 17.23 1.34
CA ALA A 181 -0.13 18.40 0.99
C ALA A 181 1.36 18.08 1.11
N PRO A 182 2.21 18.80 0.37
CA PRO A 182 3.65 18.52 0.44
C PRO A 182 4.23 18.65 1.84
N GLU A 183 3.80 19.65 2.61
CA GLU A 183 4.30 19.77 3.98
C GLU A 183 3.78 18.63 4.85
N VAL A 184 2.62 18.08 4.53
CA VAL A 184 2.14 16.89 5.21
C VAL A 184 2.99 15.68 4.84
N ILE A 185 3.40 15.61 3.57
CA ILE A 185 4.22 14.49 3.11
C ILE A 185 5.51 14.41 3.91
N ARG A 186 6.18 15.56 4.10
CA ARG A 186 7.50 15.57 4.70
C ARG A 186 7.46 15.22 6.19
N MET A 187 6.35 15.52 6.87
CA MET A 187 6.19 15.20 8.29
C MET A 187 7.32 15.78 9.12
N GLN A 188 7.75 16.99 8.77
CA GLN A 188 9.02 17.52 9.26
C GLN A 188 8.87 18.52 10.40
N ASP A 189 7.90 19.45 10.34
CA ASP A 189 7.85 20.54 11.29
C ASP A 189 6.58 20.45 12.14
N LYS A 190 6.76 20.01 13.39
CA LYS A 190 5.72 20.02 14.42
C LYS A 190 4.39 19.44 13.95
N ASN A 191 3.54 20.30 13.40
CA ASN A 191 2.17 19.98 12.99
C ASN A 191 2.01 20.26 11.51
N PRO A 192 2.26 19.28 10.65
CA PRO A 192 2.04 19.49 9.21
C PRO A 192 0.57 19.64 8.88
N TYR A 193 -0.31 18.99 9.63
CA TYR A 193 -1.74 19.09 9.37
C TYR A 193 -2.25 20.46 9.81
N SER A 194 -2.79 21.21 8.86
CA SER A 194 -3.33 22.54 9.13
C SER A 194 -4.55 22.75 8.24
N PHE A 195 -5.12 23.96 8.32
CA PHE A 195 -6.22 24.30 7.42
C PHE A 195 -5.77 24.24 5.98
N GLN A 196 -4.57 24.78 5.70
CA GLN A 196 -4.05 24.78 4.34
C GLN A 196 -3.74 23.37 3.87
N SER A 197 -3.31 22.49 4.78
CA SER A 197 -3.16 21.08 4.42
C SER A 197 -4.49 20.49 3.98
N ASP A 198 -5.59 20.90 4.64
CA ASP A 198 -6.91 20.51 4.18
C ASP A 198 -7.26 21.21 2.87
N VAL A 199 -6.95 22.50 2.77
CA VAL A 199 -7.28 23.26 1.56
C VAL A 199 -6.61 22.64 0.34
N TYR A 200 -5.37 22.19 0.50
CA TYR A 200 -4.72 21.47 -0.59
C TYR A 200 -5.48 20.20 -0.94
N ALA A 201 -5.80 19.39 0.08
CA ALA A 201 -6.57 18.18 -0.15
C ALA A 201 -7.88 18.49 -0.87
N PHE A 202 -8.51 19.61 -0.50
CA PHE A 202 -9.71 20.06 -1.20
C PHE A 202 -9.41 20.31 -2.68
N GLY A 203 -8.30 20.98 -2.98
CA GLY A 203 -7.94 21.25 -4.36
C GLY A 203 -7.73 19.99 -5.17
N ILE A 204 -7.27 18.92 -4.52
CA ILE A 204 -7.15 17.64 -5.20
C ILE A 204 -8.54 17.10 -5.55
N VAL A 205 -9.51 17.28 -4.65
CA VAL A 205 -10.87 16.88 -4.93
C VAL A 205 -11.43 17.66 -6.11
N LEU A 206 -11.04 18.93 -6.26
CA LEU A 206 -11.44 19.71 -7.44
C LEU A 206 -10.85 19.10 -8.71
N TYR A 207 -9.57 18.72 -8.67
CA TYR A 207 -8.96 18.07 -9.81
C TYR A 207 -9.71 16.80 -10.19
N GLU A 208 -10.20 16.06 -9.19
CA GLU A 208 -11.05 14.90 -9.47
C GLU A 208 -12.31 15.30 -10.22
N LEU A 209 -13.06 16.26 -9.66
CA LEU A 209 -14.34 16.65 -10.24
C LEU A 209 -14.16 17.22 -11.65
N MET A 210 -13.12 18.00 -11.86
CA MET A 210 -12.97 18.74 -13.11
C MET A 210 -12.22 17.97 -14.19
N THR A 211 -11.64 16.82 -13.87
CA THR A 211 -10.94 16.01 -14.86
C THR A 211 -11.50 14.61 -15.00
N GLY A 212 -12.22 14.10 -14.00
CA GLY A 212 -12.63 12.72 -13.98
C GLY A 212 -11.53 11.75 -13.63
N GLN A 213 -10.30 12.23 -13.39
CA GLN A 213 -9.16 11.39 -13.11
C GLN A 213 -8.60 11.70 -11.73
N LEU A 214 -7.84 10.73 -11.20
CA LEU A 214 -6.98 11.01 -10.08
C LEU A 214 -5.74 11.76 -10.56
N PRO A 215 -5.08 12.53 -9.69
CA PRO A 215 -3.85 13.19 -10.09
C PRO A 215 -2.74 12.19 -10.36
N TYR A 216 -1.78 12.62 -11.17
CA TYR A 216 -0.63 11.80 -11.57
C TYR A 216 -1.09 10.48 -12.17
N SER A 217 -1.84 10.59 -13.26
CA SER A 217 -2.35 9.39 -13.95
C SER A 217 -1.24 8.61 -14.64
N ASN A 218 -0.07 9.22 -14.84
CA ASN A 218 1.05 8.60 -15.53
C ASN A 218 2.15 8.14 -14.57
N ILE A 219 1.97 8.30 -13.27
CA ILE A 219 2.93 7.84 -12.27
C ILE A 219 2.29 6.67 -11.53
N ASN A 220 2.76 5.45 -11.81
CA ASN A 220 2.23 4.27 -11.16
C ASN A 220 3.22 3.70 -10.16
N ASN A 221 3.81 4.58 -9.35
CA ASN A 221 4.76 4.18 -8.32
C ASN A 221 4.41 4.95 -7.05
N ARG A 222 4.06 4.22 -5.98
CA ARG A 222 3.60 4.87 -4.76
C ARG A 222 4.69 5.74 -4.16
N ASP A 223 5.91 5.21 -4.02
CA ASP A 223 6.98 5.95 -3.36
C ASP A 223 7.53 7.06 -4.24
N GLN A 224 7.48 6.88 -5.57
CA GLN A 224 7.91 7.95 -6.47
C GLN A 224 7.04 9.19 -6.29
N ILE A 225 5.75 9.00 -6.06
CA ILE A 225 4.86 10.13 -5.79
C ILE A 225 5.18 10.77 -4.46
N ILE A 226 5.35 9.94 -3.42
CA ILE A 226 5.65 10.45 -2.08
C ILE A 226 6.90 11.31 -2.10
N PHE A 227 7.94 10.84 -2.79
CA PHE A 227 9.21 11.57 -2.81
C PHE A 227 9.09 12.84 -3.65
N MET A 228 8.60 12.72 -4.88
CA MET A 228 8.62 13.86 -5.80
C MET A 228 7.68 14.95 -5.34
N VAL A 229 6.52 14.59 -4.79
CA VAL A 229 5.59 15.59 -4.29
C VAL A 229 6.19 16.32 -3.10
N GLY A 230 6.74 15.58 -2.13
CA GLY A 230 7.33 16.23 -0.98
C GLY A 230 8.55 17.06 -1.32
N ARG A 231 9.18 16.75 -2.45
CA ARG A 231 10.31 17.51 -2.91
C ARG A 231 9.92 18.76 -3.69
N GLY A 232 8.65 18.91 -4.05
CA GLY A 232 8.25 19.99 -4.91
C GLY A 232 8.54 19.78 -6.38
N TYR A 233 8.80 18.54 -6.78
CA TYR A 233 9.06 18.22 -8.19
C TYR A 233 7.80 17.88 -8.95
N LEU A 234 6.88 17.17 -8.31
CA LEU A 234 5.66 16.69 -8.97
C LEU A 234 4.46 17.51 -8.54
N SER A 235 3.62 17.87 -9.51
CA SER A 235 2.42 18.66 -9.29
C SER A 235 1.30 18.10 -10.16
N PRO A 236 0.05 18.20 -9.70
CA PRO A 236 -1.07 17.75 -10.53
C PRO A 236 -1.11 18.50 -11.85
N ASP A 237 -1.06 17.75 -12.95
CA ASP A 237 -1.03 18.32 -14.29
C ASP A 237 -2.40 18.90 -14.62
N LEU A 238 -2.52 20.22 -14.55
CA LEU A 238 -3.81 20.89 -14.78
C LEU A 238 -4.22 20.91 -16.24
N SER A 239 -3.38 20.47 -17.16
CA SER A 239 -3.78 20.41 -18.57
C SER A 239 -4.94 19.45 -18.78
N LYS A 240 -5.07 18.45 -17.91
CA LYS A 240 -6.07 17.39 -17.98
C LYS A 240 -7.48 17.86 -17.64
N VAL A 241 -7.73 19.16 -17.44
CA VAL A 241 -9.05 19.63 -17.05
C VAL A 241 -9.96 19.64 -18.27
N ARG A 242 -11.22 19.28 -18.06
CA ARG A 242 -12.19 19.22 -19.15
C ARG A 242 -12.32 20.58 -19.82
N SER A 243 -12.73 20.55 -21.09
CA SER A 243 -12.81 21.78 -21.88
C SER A 243 -13.88 22.72 -21.35
N ASN A 244 -14.98 22.18 -20.83
CA ASN A 244 -16.09 22.98 -20.34
C ASN A 244 -15.95 23.41 -18.89
N CYS A 245 -14.73 23.44 -18.38
CA CYS A 245 -14.54 23.86 -16.99
C CYS A 245 -14.31 25.37 -16.94
N PRO A 246 -15.02 26.10 -16.07
CA PRO A 246 -14.87 27.55 -16.02
C PRO A 246 -13.44 27.98 -15.74
N LYS A 247 -13.01 29.03 -16.43
CA LYS A 247 -11.69 29.59 -16.19
C LYS A 247 -11.54 30.03 -14.73
N ALA A 248 -12.61 30.54 -14.14
CA ALA A 248 -12.57 30.93 -12.73
C ALA A 248 -12.40 29.72 -11.83
N MET A 249 -12.86 28.54 -12.26
CA MET A 249 -12.70 27.33 -11.46
C MET A 249 -11.27 26.81 -11.55
N LYS A 250 -10.71 26.76 -12.75
CA LYS A 250 -9.34 26.26 -12.92
C LYS A 250 -8.33 27.14 -12.19
N ARG A 251 -8.66 28.43 -12.00
CA ARG A 251 -7.75 29.31 -11.27
C ARG A 251 -7.87 29.11 -9.76
N LEU A 252 -9.10 28.96 -9.26
CA LEU A 252 -9.26 28.63 -7.84
C LEU A 252 -8.59 27.31 -7.51
N MET A 253 -8.72 26.32 -8.40
CA MET A 253 -8.06 25.03 -8.20
C MET A 253 -6.55 25.20 -8.07
N ALA A 254 -5.96 26.06 -8.89
CA ALA A 254 -4.52 26.25 -8.88
C ALA A 254 -4.03 26.94 -7.61
N GLU A 255 -4.89 27.72 -6.95
CA GLU A 255 -4.49 28.41 -5.74
C GLU A 255 -4.40 27.47 -4.54
N CYS A 256 -5.31 26.49 -4.47
CA CYS A 256 -5.31 25.55 -3.36
C CYS A 256 -4.14 24.59 -3.42
N LEU A 257 -3.57 24.36 -4.62
CA LEU A 257 -2.48 23.41 -4.81
C LEU A 257 -1.11 24.07 -4.71
N LYS A 258 -1.02 25.25 -4.11
CA LYS A 258 0.27 25.93 -4.00
C LYS A 258 1.21 25.11 -3.12
N LYS A 259 2.46 24.97 -3.56
CA LYS A 259 3.41 24.10 -2.88
C LYS A 259 3.68 24.59 -1.46
N LYS A 260 3.94 25.89 -1.30
CA LYS A 260 4.10 26.48 0.02
C LYS A 260 2.73 26.79 0.60
N ARG A 261 2.47 26.28 1.81
CA ARG A 261 1.10 26.25 2.32
C ARG A 261 0.56 27.65 2.60
N ASP A 262 1.42 28.61 2.89
CA ASP A 262 0.95 29.95 3.25
C ASP A 262 0.35 30.71 2.07
N GLU A 263 0.52 30.22 0.84
CA GLU A 263 -0.07 30.85 -0.33
C GLU A 263 -1.50 30.39 -0.60
N ARG A 264 -1.88 29.22 -0.07
CA ARG A 264 -3.22 28.70 -0.33
C ARG A 264 -4.26 29.57 0.39
N PRO A 265 -5.43 29.78 -0.21
CA PRO A 265 -6.48 30.54 0.47
C PRO A 265 -7.14 29.76 1.61
N LEU A 266 -8.02 30.40 2.37
CA LEU A 266 -8.84 29.73 3.38
C LEU A 266 -10.27 29.59 2.88
N PHE A 267 -11.04 28.77 3.58
CA PHE A 267 -12.33 28.34 3.06
C PHE A 267 -13.40 29.43 2.95
N PRO A 268 -13.43 30.43 3.84
CA PRO A 268 -14.31 31.58 3.58
C PRO A 268 -14.07 32.22 2.22
N GLN A 269 -12.81 32.33 1.81
CA GLN A 269 -12.50 32.91 0.50
C GLN A 269 -12.79 31.92 -0.62
N ILE A 270 -12.48 30.63 -0.40
CA ILE A 270 -12.75 29.61 -1.41
C ILE A 270 -14.23 29.54 -1.72
N LEU A 271 -15.05 29.33 -0.68
CA LEU A 271 -16.49 29.17 -0.87
C LEU A 271 -17.11 30.38 -1.56
N ALA A 272 -16.57 31.57 -1.29
CA ALA A 272 -17.07 32.77 -1.96
C ALA A 272 -16.79 32.72 -3.46
N SER A 273 -15.63 32.21 -3.85
CA SER A 273 -15.28 32.13 -5.27
C SER A 273 -16.16 31.12 -6.00
N ILE A 274 -16.53 30.02 -5.35
CA ILE A 274 -17.30 28.97 -6.01
C ILE A 274 -18.72 29.43 -6.27
N GLU A 275 -19.35 30.06 -5.28
CA GLU A 275 -20.71 30.58 -5.47
C GLU A 275 -20.74 31.68 -6.52
N LEU A 276 -19.65 32.45 -6.65
CA LEU A 276 -19.61 33.50 -7.66
C LEU A 276 -19.62 32.91 -9.06
N LEU A 277 -18.77 31.91 -9.31
CA LEU A 277 -18.74 31.25 -10.61
C LEU A 277 -19.92 30.32 -10.84
N ALA A 278 -20.67 29.99 -9.78
CA ALA A 278 -21.93 29.28 -9.96
C ALA A 278 -22.99 30.20 -10.56
N ARG A 279 -22.96 31.49 -10.20
CA ARG A 279 -23.92 32.43 -10.77
C ARG A 279 -23.56 32.81 -12.20
N SER A 280 -22.31 33.21 -12.43
CA SER A 280 -21.85 33.60 -13.75
C SER A 280 -21.58 32.37 -14.63
N LEU A 281 -22.55 31.47 -14.71
CA LEU A 281 -22.38 30.24 -15.46
C LEU A 281 -23.33 30.16 -16.63
N LEU B 44 15.07 -25.38 -21.20
CA LEU B 44 15.64 -24.68 -20.05
C LEU B 44 16.88 -25.37 -19.50
N GLU B 45 17.70 -24.63 -18.76
CA GLU B 45 19.02 -25.08 -18.32
C GLU B 45 18.98 -25.69 -16.91
N LEU B 46 18.12 -26.69 -16.72
CA LEU B 46 17.88 -27.28 -15.42
C LEU B 46 18.29 -28.75 -15.41
N ASP B 47 18.32 -29.33 -14.21
CA ASP B 47 18.73 -30.72 -14.03
C ASP B 47 17.52 -31.66 -14.05
N GLU B 48 17.57 -32.71 -13.24
CA GLU B 48 16.59 -33.78 -13.27
C GLU B 48 15.63 -33.76 -12.09
N GLN B 49 16.10 -33.40 -10.90
CA GLN B 49 15.17 -33.21 -9.78
C GLN B 49 14.27 -32.00 -10.00
N GLN B 50 14.64 -31.10 -10.90
CA GLN B 50 13.80 -29.95 -11.26
C GLN B 50 12.85 -30.28 -12.40
N ARG B 51 13.34 -30.97 -13.44
CA ARG B 51 12.44 -31.37 -14.53
C ARG B 51 11.38 -32.35 -14.04
N LYS B 52 11.68 -33.13 -13.00
CA LYS B 52 10.66 -33.95 -12.37
C LYS B 52 9.61 -33.08 -11.68
N ARG B 53 10.06 -32.15 -10.85
CA ARG B 53 9.13 -31.32 -10.08
C ARG B 53 8.35 -30.38 -10.99
N LEU B 54 8.98 -29.85 -12.04
CA LEU B 54 8.30 -28.95 -12.96
C LEU B 54 7.15 -29.66 -13.67
N GLU B 55 7.44 -30.78 -14.32
CA GLU B 55 6.42 -31.52 -15.05
C GLU B 55 5.34 -32.07 -14.12
N ALA B 56 5.70 -32.40 -12.88
CA ALA B 56 4.70 -32.90 -11.94
C ALA B 56 3.67 -31.82 -11.61
N PHE B 57 4.09 -30.56 -11.57
CA PHE B 57 3.17 -29.47 -11.30
C PHE B 57 2.15 -29.33 -12.44
N LEU B 58 2.64 -29.37 -13.69
CA LEU B 58 1.74 -29.29 -14.84
C LEU B 58 0.70 -30.40 -14.83
N THR B 59 0.96 -31.51 -14.13
CA THR B 59 -0.04 -32.57 -14.03
C THR B 59 -1.17 -32.16 -13.10
N GLN B 60 -0.83 -31.78 -11.86
CA GLN B 60 -1.86 -31.33 -10.92
C GLN B 60 -2.60 -30.11 -11.45
N LYS B 61 -1.90 -29.27 -12.21
CA LYS B 61 -2.53 -28.09 -12.79
C LYS B 61 -3.61 -28.47 -13.79
N GLN B 62 -3.49 -29.65 -14.41
CA GLN B 62 -4.50 -30.08 -15.37
C GLN B 62 -5.75 -30.63 -14.68
N LYS B 63 -5.61 -31.16 -13.46
CA LYS B 63 -6.72 -31.74 -12.73
C LYS B 63 -7.61 -30.60 -12.25
N VAL B 64 -7.17 -29.38 -12.52
CA VAL B 64 -7.87 -28.18 -12.12
C VAL B 64 -8.45 -27.53 -13.37
N GLY B 65 -9.77 -27.48 -13.43
CA GLY B 65 -10.46 -26.80 -14.51
C GLY B 65 -10.83 -25.38 -14.16
N GLU B 66 -12.08 -25.02 -14.41
CA GLU B 66 -12.56 -23.70 -14.03
C GLU B 66 -12.46 -23.53 -12.52
N LEU B 67 -11.95 -22.38 -12.09
CA LEU B 67 -11.77 -22.08 -10.67
C LEU B 67 -12.95 -21.25 -10.18
N LYS B 68 -13.63 -21.75 -9.16
CA LYS B 68 -14.81 -21.11 -8.61
C LYS B 68 -14.63 -20.88 -7.12
N ASP B 69 -15.24 -19.78 -6.64
CA ASP B 69 -15.12 -19.44 -5.22
C ASP B 69 -15.68 -20.54 -4.33
N ASP B 70 -16.68 -21.28 -4.82
CA ASP B 70 -17.29 -22.35 -4.04
C ASP B 70 -16.47 -23.63 -4.03
N ASP B 71 -15.46 -23.75 -4.89
CA ASP B 71 -14.63 -24.95 -4.95
C ASP B 71 -13.53 -24.96 -3.89
N PHE B 72 -13.50 -23.98 -3.00
CA PHE B 72 -12.44 -23.86 -2.01
C PHE B 72 -13.02 -23.93 -0.60
N GLU B 73 -12.30 -24.60 0.28
CA GLU B 73 -12.57 -24.58 1.71
C GLU B 73 -11.40 -23.92 2.42
N LYS B 74 -11.69 -22.92 3.24
CA LYS B 74 -10.64 -22.18 3.91
C LYS B 74 -10.03 -23.04 5.01
N ILE B 75 -8.69 -23.08 5.06
CA ILE B 75 -7.96 -23.84 6.07
C ILE B 75 -7.42 -22.87 7.12
N SER B 76 -6.42 -22.08 6.73
CA SER B 76 -5.75 -21.16 7.64
C SER B 76 -5.23 -19.98 6.84
N GLU B 77 -4.96 -18.89 7.54
CA GLU B 77 -4.32 -17.76 6.90
C GLU B 77 -2.82 -17.94 6.90
N LEU B 78 -2.15 -17.29 5.95
CA LEU B 78 -0.71 -17.41 5.77
C LEU B 78 0.03 -16.09 5.96
N GLY B 79 -0.61 -14.97 5.66
CA GLY B 79 0.06 -13.69 5.81
C GLY B 79 -0.83 -12.59 5.26
N ALA B 80 -0.42 -11.36 5.53
CA ALA B 80 -1.14 -10.19 5.07
C ALA B 80 -0.16 -9.11 4.65
N GLY B 81 -0.68 -8.11 3.96
CA GLY B 81 0.10 -6.95 3.58
C GLY B 81 -0.85 -5.81 3.29
N ASN B 82 -0.30 -4.59 3.33
CA ASN B 82 -1.11 -3.42 3.05
C ASN B 82 -1.68 -3.52 1.63
N GLY B 83 -2.87 -4.13 1.51
CA GLY B 83 -3.49 -4.32 0.22
C GLY B 83 -3.86 -5.74 -0.09
N GLY B 84 -4.17 -6.53 0.93
CA GLY B 84 -4.62 -7.89 0.70
C GLY B 84 -4.33 -8.80 1.88
N VAL B 85 -4.66 -10.07 1.67
CA VAL B 85 -4.45 -11.11 2.67
C VAL B 85 -4.48 -12.44 1.93
N VAL B 86 -3.75 -13.42 2.45
CA VAL B 86 -3.56 -14.71 1.80
C VAL B 86 -4.01 -15.81 2.75
N PHE B 87 -4.65 -16.84 2.18
CA PHE B 87 -5.12 -18.00 2.92
C PHE B 87 -4.62 -19.28 2.29
N LYS B 88 -4.29 -20.26 3.13
CA LYS B 88 -4.10 -21.63 2.65
C LYS B 88 -5.48 -22.26 2.48
N VAL B 89 -5.79 -22.72 1.27
CA VAL B 89 -7.10 -23.28 0.97
C VAL B 89 -6.93 -24.62 0.29
N SER B 90 -8.01 -25.39 0.27
CA SER B 90 -8.04 -26.70 -0.37
C SER B 90 -9.02 -26.67 -1.53
N HIS B 91 -8.57 -27.13 -2.69
CA HIS B 91 -9.42 -27.22 -3.87
C HIS B 91 -10.20 -28.52 -3.78
N LYS B 92 -11.46 -28.43 -3.35
CA LYS B 92 -12.27 -29.62 -3.17
C LYS B 92 -12.43 -30.48 -4.42
N PRO B 93 -12.58 -29.92 -5.64
CA PRO B 93 -12.66 -30.79 -6.83
C PRO B 93 -11.40 -31.59 -7.12
N SER B 94 -10.32 -31.38 -6.35
CA SER B 94 -9.12 -32.19 -6.59
C SER B 94 -8.23 -32.32 -5.38
N GLY B 95 -8.71 -32.02 -4.16
CA GLY B 95 -7.90 -32.12 -2.95
C GLY B 95 -6.64 -31.30 -2.90
N LEU B 96 -6.24 -30.64 -3.99
CA LEU B 96 -4.99 -29.88 -3.98
C LEU B 96 -5.04 -28.75 -2.95
N VAL B 97 -3.90 -28.50 -2.32
CA VAL B 97 -3.75 -27.43 -1.34
C VAL B 97 -2.99 -26.28 -1.99
N MET B 98 -3.55 -25.07 -1.91
CA MET B 98 -3.00 -23.94 -2.63
C MET B 98 -3.03 -22.71 -1.74
N ALA B 99 -2.20 -21.74 -2.09
CA ALA B 99 -2.30 -20.40 -1.52
C ALA B 99 -3.21 -19.56 -2.40
N ARG B 100 -3.95 -18.64 -1.77
CA ARG B 100 -4.94 -17.83 -2.47
C ARG B 100 -4.82 -16.39 -1.99
N LYS B 101 -4.26 -15.53 -2.85
CA LYS B 101 -4.16 -14.10 -2.55
C LYS B 101 -5.42 -13.40 -3.04
N LEU B 102 -6.10 -12.70 -2.14
CA LEU B 102 -7.32 -11.98 -2.48
C LEU B 102 -7.02 -10.48 -2.45
N ILE B 103 -7.17 -9.84 -3.60
CA ILE B 103 -6.89 -8.42 -3.74
C ILE B 103 -8.22 -7.70 -3.90
N HIS B 104 -8.65 -6.99 -2.85
CA HIS B 104 -9.84 -6.16 -2.96
C HIS B 104 -9.44 -4.82 -3.57
N LEU B 105 -9.90 -4.56 -4.80
CA LEU B 105 -9.58 -3.33 -5.51
C LEU B 105 -10.87 -2.63 -5.89
N GLU B 106 -11.00 -1.37 -5.46
CA GLU B 106 -12.09 -0.50 -5.89
C GLU B 106 -11.68 0.13 -7.22
N ILE B 107 -11.88 -0.63 -8.30
CA ILE B 107 -11.49 -0.22 -9.64
C ILE B 107 -12.66 -0.43 -10.58
N LYS B 108 -12.68 0.35 -11.66
CA LYS B 108 -13.77 0.28 -12.62
C LYS B 108 -13.70 -1.05 -13.38
N PRO B 109 -14.86 -1.58 -13.80
CA PRO B 109 -14.87 -2.94 -14.35
C PRO B 109 -14.05 -3.09 -15.61
N ALA B 110 -14.02 -2.07 -16.45
CA ALA B 110 -13.23 -2.13 -17.67
C ALA B 110 -11.76 -2.37 -17.35
N ILE B 111 -11.26 -1.65 -16.33
CA ILE B 111 -9.87 -1.84 -15.90
C ILE B 111 -9.69 -3.21 -15.26
N ARG B 112 -10.65 -3.63 -14.43
CA ARG B 112 -10.54 -4.92 -13.74
C ARG B 112 -10.50 -6.08 -14.73
N ASN B 113 -11.38 -6.05 -15.74
CA ASN B 113 -11.38 -7.13 -16.72
C ASN B 113 -10.08 -7.16 -17.51
N GLN B 114 -9.43 -6.01 -17.67
CA GLN B 114 -8.10 -5.99 -18.27
C GLN B 114 -7.07 -6.66 -17.36
N ILE B 115 -7.18 -6.42 -16.05
CA ILE B 115 -6.23 -6.99 -15.10
C ILE B 115 -6.32 -8.51 -15.09
N ILE B 116 -7.53 -9.04 -14.96
CA ILE B 116 -7.73 -10.49 -15.00
C ILE B 116 -7.21 -11.06 -16.32
N ARG B 117 -7.44 -10.34 -17.42
CA ARG B 117 -6.93 -10.79 -18.71
C ARG B 117 -5.40 -10.79 -18.74
N GLU B 118 -4.79 -9.75 -18.16
CA GLU B 118 -3.33 -9.66 -18.17
C GLU B 118 -2.69 -10.68 -17.25
N LEU B 119 -3.37 -11.07 -16.16
CA LEU B 119 -2.79 -12.01 -15.21
C LEU B 119 -2.64 -13.41 -15.80
N GLN B 120 -3.35 -13.72 -16.89
CA GLN B 120 -3.32 -15.06 -17.45
C GLN B 120 -1.97 -15.41 -18.05
N VAL B 121 -1.04 -14.45 -18.13
CA VAL B 121 0.32 -14.76 -18.57
C VAL B 121 1.01 -15.68 -17.58
N LEU B 122 0.60 -15.61 -16.30
CA LEU B 122 1.21 -16.42 -15.25
C LEU B 122 1.12 -17.91 -15.52
N HIS B 123 0.30 -18.33 -16.47
CA HIS B 123 0.28 -19.74 -16.87
C HIS B 123 1.51 -20.13 -17.67
N GLU B 124 2.17 -19.18 -18.32
CA GLU B 124 3.36 -19.47 -19.11
C GLU B 124 4.63 -19.51 -18.28
N CYS B 125 4.67 -18.83 -17.14
CA CYS B 125 5.84 -18.83 -16.26
C CYS B 125 5.92 -20.17 -15.57
N ASN B 126 6.80 -21.05 -16.06
CA ASN B 126 6.99 -22.39 -15.51
C ASN B 126 8.48 -22.63 -15.31
N SER B 127 9.00 -22.09 -14.21
CA SER B 127 10.39 -22.18 -13.80
C SER B 127 10.46 -22.64 -12.36
N PRO B 128 11.55 -23.29 -11.96
CA PRO B 128 11.71 -23.67 -10.54
C PRO B 128 12.04 -22.51 -9.61
N TYR B 129 12.18 -21.29 -10.13
CA TYR B 129 12.43 -20.11 -9.32
C TYR B 129 11.25 -19.16 -9.33
N ILE B 130 10.16 -19.51 -10.00
CA ILE B 130 8.92 -18.76 -10.00
C ILE B 130 7.85 -19.63 -9.33
N VAL B 131 7.11 -19.03 -8.40
CA VAL B 131 6.10 -19.79 -7.67
C VAL B 131 5.09 -20.38 -8.64
N GLY B 132 4.75 -21.64 -8.42
CA GLY B 132 3.74 -22.28 -9.25
C GLY B 132 2.42 -21.52 -9.23
N PHE B 133 1.73 -21.53 -10.36
CA PHE B 133 0.52 -20.76 -10.55
C PHE B 133 -0.58 -21.67 -11.05
N TYR B 134 -1.79 -21.53 -10.48
CA TYR B 134 -2.93 -22.35 -10.82
C TYR B 134 -4.02 -21.62 -11.59
N GLY B 135 -4.21 -20.33 -11.35
CA GLY B 135 -5.25 -19.59 -12.03
C GLY B 135 -5.60 -18.32 -11.28
N ALA B 136 -6.26 -17.42 -12.00
CA ALA B 136 -6.70 -16.16 -11.42
C ALA B 136 -8.11 -15.86 -11.92
N PHE B 137 -8.99 -15.44 -11.02
CA PHE B 137 -10.37 -15.16 -11.38
C PHE B 137 -10.91 -14.05 -10.49
N TYR B 138 -12.17 -13.70 -10.73
CA TYR B 138 -12.84 -12.60 -10.03
C TYR B 138 -14.17 -13.08 -9.48
N SER B 139 -14.46 -12.70 -8.23
CA SER B 139 -15.72 -13.05 -7.59
C SER B 139 -15.88 -12.21 -6.32
N ASP B 140 -17.13 -11.82 -6.05
CA ASP B 140 -17.48 -11.08 -4.83
C ASP B 140 -16.62 -9.82 -4.67
N GLY B 141 -16.35 -9.14 -5.78
CA GLY B 141 -15.54 -7.95 -5.77
C GLY B 141 -14.11 -8.14 -5.32
N GLU B 142 -13.55 -9.33 -5.54
CA GLU B 142 -12.16 -9.63 -5.17
C GLU B 142 -11.49 -10.44 -6.26
N ILE B 143 -10.20 -10.19 -6.43
CA ILE B 143 -9.36 -10.90 -7.41
C ILE B 143 -8.58 -11.96 -6.66
N SER B 144 -8.75 -13.22 -7.07
CA SER B 144 -8.08 -14.35 -6.44
C SER B 144 -6.93 -14.79 -7.34
N ILE B 145 -5.72 -14.82 -6.79
CA ILE B 145 -4.56 -15.35 -7.48
C ILE B 145 -4.18 -16.65 -6.79
N CYS B 146 -4.45 -17.77 -7.44
CA CYS B 146 -4.26 -19.09 -6.86
C CYS B 146 -2.89 -19.64 -7.26
N MET B 147 -2.00 -19.75 -6.29
CA MET B 147 -0.63 -20.20 -6.51
C MET B 147 -0.33 -21.37 -5.60
N GLU B 148 0.83 -22.00 -5.85
CA GLU B 148 1.20 -23.17 -5.06
C GLU B 148 1.53 -22.77 -3.63
N HIS B 149 1.37 -23.72 -2.71
CA HIS B 149 1.62 -23.46 -1.31
C HIS B 149 3.10 -23.65 -1.01
N MET B 150 3.67 -22.70 -0.28
CA MET B 150 5.08 -22.74 0.12
C MET B 150 5.13 -22.77 1.64
N ASP B 151 5.27 -23.97 2.21
CA ASP B 151 5.16 -24.14 3.65
C ASP B 151 6.28 -23.43 4.43
N GLY B 152 7.32 -22.96 3.74
CA GLY B 152 8.36 -22.20 4.43
C GLY B 152 7.96 -20.76 4.66
N GLY B 153 7.17 -20.20 3.75
CA GLY B 153 6.75 -18.82 3.85
C GLY B 153 7.68 -17.88 3.13
N SER B 154 7.48 -16.60 3.37
CA SER B 154 8.34 -15.58 2.77
C SER B 154 9.61 -15.42 3.61
N LEU B 155 10.72 -15.09 2.93
CA LEU B 155 11.94 -14.76 3.68
C LEU B 155 11.74 -13.61 4.66
N ASP B 156 10.65 -12.84 4.54
CA ASP B 156 10.35 -11.81 5.52
C ASP B 156 10.01 -12.42 6.88
N GLN B 157 9.15 -13.45 6.89
CA GLN B 157 8.81 -14.10 8.14
C GLN B 157 9.96 -14.98 8.63
N VAL B 158 10.67 -15.62 7.71
CA VAL B 158 11.81 -16.44 8.08
C VAL B 158 12.86 -15.59 8.78
N LEU B 159 13.01 -14.34 8.34
CA LEU B 159 13.96 -13.44 8.99
C LEU B 159 13.59 -13.17 10.44
N LYS B 160 12.30 -13.12 10.77
CA LYS B 160 11.89 -12.91 12.16
C LYS B 160 12.29 -14.09 13.03
N LYS B 161 11.92 -15.31 12.62
CA LYS B 161 12.23 -16.49 13.42
C LYS B 161 13.74 -16.71 13.55
N ALA B 162 14.54 -16.18 12.62
CA ALA B 162 15.98 -16.41 12.62
C ALA B 162 16.76 -15.26 13.27
N GLY B 163 16.26 -14.04 13.20
CA GLY B 163 17.03 -12.89 13.63
C GLY B 163 17.91 -12.38 12.50
N ARG B 164 18.96 -13.13 12.19
CA ARG B 164 19.78 -12.88 11.01
C ARG B 164 19.92 -14.19 10.24
N ILE B 165 20.34 -14.08 8.98
CA ILE B 165 20.45 -15.23 8.08
C ILE B 165 21.92 -15.39 7.71
N PRO B 166 22.48 -16.58 7.80
CA PRO B 166 23.91 -16.75 7.50
C PRO B 166 24.23 -16.45 6.04
N GLU B 167 25.40 -15.85 5.83
CA GLU B 167 25.86 -15.52 4.48
C GLU B 167 25.92 -16.75 3.59
N GLN B 168 26.25 -17.92 4.17
CA GLN B 168 26.23 -19.16 3.40
C GLN B 168 24.85 -19.43 2.83
N ILE B 169 23.79 -19.03 3.54
CA ILE B 169 22.43 -19.23 3.05
C ILE B 169 22.06 -18.14 2.05
N LEU B 170 22.40 -16.88 2.35
CA LEU B 170 22.07 -15.79 1.43
C LEU B 170 22.72 -15.99 0.07
N GLY B 171 23.89 -16.64 0.04
CA GLY B 171 24.47 -17.03 -1.23
C GLY B 171 23.54 -17.91 -2.03
N LYS B 172 22.92 -18.89 -1.37
CA LYS B 172 21.95 -19.74 -2.06
C LYS B 172 20.71 -18.96 -2.49
N VAL B 173 20.28 -18.01 -1.66
CA VAL B 173 19.14 -17.16 -2.03
C VAL B 173 19.49 -16.30 -3.23
N SER B 174 20.66 -15.66 -3.20
CA SER B 174 21.04 -14.76 -4.29
C SER B 174 21.05 -15.50 -5.62
N ILE B 175 21.51 -16.75 -5.62
CA ILE B 175 21.49 -17.54 -6.86
C ILE B 175 20.08 -17.68 -7.38
N ALA B 176 19.12 -17.90 -6.48
CA ALA B 176 17.73 -18.11 -6.90
C ALA B 176 17.13 -16.83 -7.46
N VAL B 177 17.30 -15.72 -6.76
CA VAL B 177 16.75 -14.45 -7.23
C VAL B 177 17.39 -14.04 -8.54
N ILE B 178 18.70 -14.27 -8.67
CA ILE B 178 19.38 -13.91 -9.92
C ILE B 178 18.87 -14.75 -11.07
N LYS B 179 18.65 -16.05 -10.84
CA LYS B 179 18.07 -16.89 -11.88
C LYS B 179 16.59 -16.58 -12.08
N GLY B 180 15.89 -16.18 -11.02
CA GLY B 180 14.48 -15.85 -11.16
C GLY B 180 14.25 -14.62 -12.02
N LEU B 181 14.98 -13.54 -11.73
CA LEU B 181 14.89 -12.35 -12.57
C LEU B 181 15.34 -12.64 -13.99
N THR B 182 16.29 -13.56 -14.16
CA THR B 182 16.76 -13.92 -15.50
C THR B 182 15.65 -14.59 -16.31
N TYR B 183 14.99 -15.59 -15.72
CA TYR B 183 13.91 -16.29 -16.42
C TYR B 183 12.82 -15.32 -16.83
N LEU B 184 12.49 -14.36 -15.96
CA LEU B 184 11.46 -13.39 -16.31
C LEU B 184 11.91 -12.44 -17.41
N ARG B 185 13.20 -12.06 -17.39
CA ARG B 185 13.68 -11.09 -18.37
C ARG B 185 13.90 -11.73 -19.73
N GLU B 186 14.24 -13.01 -19.77
CA GLU B 186 14.62 -13.62 -21.04
C GLU B 186 13.46 -14.33 -21.73
N LYS B 187 12.71 -15.14 -20.99
CA LYS B 187 11.63 -15.90 -21.59
C LYS B 187 10.34 -15.10 -21.74
N HIS B 188 10.21 -13.96 -21.04
CA HIS B 188 8.95 -13.23 -21.04
C HIS B 188 9.10 -11.72 -21.10
N LYS B 189 10.33 -11.19 -21.02
CA LYS B 189 10.59 -9.75 -21.12
C LYS B 189 9.79 -8.95 -20.08
N ILE B 190 9.49 -9.58 -18.95
CA ILE B 190 8.79 -8.93 -17.85
C ILE B 190 9.73 -8.84 -16.65
N MET B 191 9.62 -7.74 -15.91
CA MET B 191 10.48 -7.48 -14.78
C MET B 191 9.66 -7.47 -13.49
N HIS B 192 10.34 -7.74 -12.38
CA HIS B 192 9.65 -8.00 -11.12
C HIS B 192 9.01 -6.72 -10.58
N ARG B 193 9.81 -5.68 -10.37
CA ARG B 193 9.42 -4.37 -9.84
C ARG B 193 9.01 -4.44 -8.37
N ASP B 194 9.19 -5.57 -7.70
CA ASP B 194 8.87 -5.65 -6.28
C ASP B 194 9.68 -6.73 -5.59
N VAL B 195 10.98 -6.78 -5.88
CA VAL B 195 11.86 -7.73 -5.19
C VAL B 195 12.08 -7.24 -3.77
N LYS B 196 11.65 -8.05 -2.80
CA LYS B 196 11.81 -7.74 -1.39
C LYS B 196 11.58 -9.03 -0.60
N PRO B 197 12.04 -9.09 0.65
CA PRO B 197 11.96 -10.35 1.41
C PRO B 197 10.59 -10.99 1.44
N SER B 198 9.52 -10.20 1.38
CA SER B 198 8.17 -10.76 1.45
C SER B 198 7.73 -11.39 0.15
N ASN B 199 8.46 -11.19 -0.95
CA ASN B 199 8.12 -11.79 -2.23
C ASN B 199 9.13 -12.86 -2.64
N ILE B 200 9.97 -13.31 -1.71
CA ILE B 200 10.81 -14.48 -1.90
C ILE B 200 10.27 -15.58 -1.02
N LEU B 201 9.84 -16.68 -1.62
CA LEU B 201 9.19 -17.76 -0.91
C LEU B 201 10.08 -19.00 -0.88
N VAL B 202 9.95 -19.77 0.19
CA VAL B 202 10.75 -20.97 0.40
C VAL B 202 9.84 -22.10 0.88
N ASN B 203 10.37 -23.33 0.85
CA ASN B 203 9.60 -24.49 1.28
C ASN B 203 10.56 -25.56 1.82
N SER B 204 9.97 -26.62 2.40
CA SER B 204 10.75 -27.66 3.07
C SER B 204 11.60 -28.49 2.10
N ARG B 205 11.22 -28.58 0.83
CA ARG B 205 12.06 -29.27 -0.16
C ARG B 205 13.30 -28.46 -0.53
N GLY B 206 13.52 -27.32 0.12
CA GLY B 206 14.71 -26.53 -0.12
C GLY B 206 14.67 -25.66 -1.35
N GLU B 207 13.49 -25.21 -1.75
CA GLU B 207 13.35 -24.39 -2.94
C GLU B 207 13.19 -22.92 -2.57
N ILE B 208 13.60 -22.05 -3.48
CA ILE B 208 13.48 -20.61 -3.31
C ILE B 208 12.88 -20.05 -4.59
N LYS B 209 11.78 -19.30 -4.46
CA LYS B 209 11.01 -18.88 -5.62
C LYS B 209 10.54 -17.44 -5.47
N LEU B 210 10.53 -16.70 -6.58
CA LEU B 210 9.98 -15.35 -6.61
C LEU B 210 8.48 -15.39 -6.87
N CYS B 211 7.78 -14.30 -6.54
CA CYS B 211 6.33 -14.24 -6.71
CA CYS B 211 6.33 -14.25 -6.71
C CYS B 211 5.91 -12.78 -6.80
N ASP B 212 4.65 -12.57 -7.18
CA ASP B 212 4.01 -11.25 -7.21
C ASP B 212 4.89 -10.23 -7.94
N PHE B 213 5.42 -10.65 -9.08
CA PHE B 213 6.10 -9.75 -9.99
C PHE B 213 5.09 -9.07 -10.89
N GLY B 214 5.51 -7.94 -11.47
CA GLY B 214 4.63 -7.13 -12.27
C GLY B 214 4.32 -7.70 -13.64
N VAL B 215 3.35 -8.62 -13.70
CA VAL B 215 2.89 -9.14 -14.99
C VAL B 215 1.78 -8.27 -15.55
N SER B 216 0.93 -7.77 -14.68
CA SER B 216 -0.18 -6.91 -15.07
C SER B 216 0.22 -5.46 -14.81
N GLY B 217 0.47 -4.72 -15.89
CA GLY B 217 0.75 -3.31 -15.74
C GLY B 217 -0.42 -2.52 -15.17
N GLN B 218 -1.65 -2.97 -15.46
CA GLN B 218 -2.82 -2.30 -14.92
C GLN B 218 -2.94 -2.53 -13.42
N LEU B 219 -2.54 -3.70 -12.95
CA LEU B 219 -2.55 -3.97 -11.51
C LEU B 219 -1.56 -3.09 -10.77
N ILE B 220 -0.39 -2.85 -11.38
CA ILE B 220 0.63 -1.99 -10.76
C ILE B 220 0.10 -0.58 -10.61
N ASP B 221 -0.61 -0.08 -11.62
CA ASP B 221 -1.13 1.29 -11.57
C ASP B 221 -2.32 1.42 -10.62
N ALA B 222 -3.11 0.36 -10.45
CA ALA B 222 -4.22 0.40 -9.50
C ALA B 222 -3.71 0.42 -8.07
N MET B 223 -2.65 -0.35 -7.78
CA MET B 223 -2.04 -0.34 -6.46
C MET B 223 -1.38 0.99 -6.14
N ALA B 224 -1.08 1.81 -7.16
CA ALA B 224 -0.43 3.09 -6.94
C ALA B 224 -1.29 4.06 -6.15
N ASN B 225 -2.58 3.80 -5.99
CA ASN B 225 -3.42 4.57 -5.09
C ASN B 225 -3.65 3.79 -3.79
N ALA B 226 -2.54 3.42 -3.17
CA ALA B 226 -2.55 2.79 -1.86
C ALA B 226 -2.03 3.77 -0.82
N PHE B 227 -2.24 3.42 0.45
CA PHE B 227 -1.74 4.27 1.50
C PHE B 227 -0.23 4.13 1.61
N VAL B 228 0.35 5.14 2.26
CA VAL B 228 1.78 5.11 2.53
C VAL B 228 2.16 3.82 3.26
N GLY B 229 3.33 3.28 2.94
CA GLY B 229 3.93 2.22 3.70
C GLY B 229 4.79 2.76 4.82
N THR B 230 5.67 1.91 5.34
CA THR B 230 6.64 2.33 6.33
C THR B 230 8.08 2.24 5.84
N ARG B 231 8.35 1.43 4.81
CA ARG B 231 9.67 1.28 4.26
C ARG B 231 9.56 1.05 2.77
N SER B 232 10.67 1.25 2.07
CA SER B 232 10.68 1.13 0.61
C SER B 232 11.95 0.44 0.15
N TYR B 233 11.79 -0.50 -0.77
CA TYR B 233 12.91 -1.14 -1.45
C TYR B 233 13.10 -0.58 -2.85
N MET B 234 12.55 0.60 -3.12
CA MET B 234 12.62 1.21 -4.44
C MET B 234 14.02 1.75 -4.69
N SER B 235 14.58 1.40 -5.85
CA SER B 235 15.89 1.92 -6.24
C SER B 235 15.82 3.44 -6.44
N PRO B 236 16.95 4.13 -6.30
CA PRO B 236 16.91 5.60 -6.33
C PRO B 236 16.42 6.18 -7.65
N GLU B 237 16.56 5.45 -8.75
CA GLU B 237 16.08 6.00 -10.03
C GLU B 237 14.57 5.91 -10.12
N ARG B 238 13.97 4.85 -9.57
CA ARG B 238 12.52 4.71 -9.62
C ARG B 238 11.83 5.76 -8.76
N LEU B 239 12.53 6.28 -7.74
CA LEU B 239 11.96 7.34 -6.93
C LEU B 239 11.97 8.67 -7.68
N GLN B 240 12.99 8.91 -8.49
CA GLN B 240 13.08 10.12 -9.29
C GLN B 240 12.53 9.96 -10.70
N GLY B 241 12.46 8.73 -11.22
CA GLY B 241 11.97 8.49 -12.55
C GLY B 241 11.31 7.14 -12.70
N THR B 242 11.74 6.37 -13.69
CA THR B 242 11.15 5.06 -13.94
C THR B 242 12.23 3.98 -14.01
N HIS B 243 11.77 2.74 -13.94
CA HIS B 243 12.56 1.52 -14.11
C HIS B 243 13.62 1.65 -15.20
N TYR B 244 14.84 1.21 -14.91
CA TYR B 244 15.97 1.26 -15.83
C TYR B 244 16.47 -0.18 -16.04
N SER B 245 15.67 -0.97 -16.76
CA SER B 245 15.95 -2.38 -17.01
C SER B 245 16.11 -3.19 -15.73
N VAL B 246 16.69 -4.39 -15.85
CA VAL B 246 16.79 -5.31 -14.72
C VAL B 246 17.73 -4.81 -13.63
N GLN B 247 18.47 -3.73 -13.88
CA GLN B 247 19.36 -3.21 -12.85
C GLN B 247 18.59 -2.76 -11.61
N SER B 248 17.42 -2.15 -11.80
CA SER B 248 16.68 -1.61 -10.67
C SER B 248 16.11 -2.71 -9.77
N ASP B 249 15.82 -3.89 -10.32
CA ASP B 249 15.44 -5.01 -9.48
C ASP B 249 16.63 -5.54 -8.69
N ILE B 250 17.84 -5.35 -9.21
CA ILE B 250 19.04 -5.84 -8.54
C ILE B 250 19.30 -5.04 -7.26
N TRP B 251 19.11 -3.71 -7.32
CA TRP B 251 19.22 -2.90 -6.11
C TRP B 251 18.30 -3.42 -5.02
N SER B 252 17.05 -3.72 -5.37
CA SER B 252 16.10 -4.23 -4.38
C SER B 252 16.57 -5.56 -3.79
N MET B 253 17.09 -6.45 -4.64
CA MET B 253 17.69 -7.66 -4.11
C MET B 253 18.86 -7.36 -3.19
N GLY B 254 19.69 -6.38 -3.56
CA GLY B 254 20.82 -6.02 -2.72
C GLY B 254 20.38 -5.48 -1.36
N LEU B 255 19.44 -4.54 -1.37
CA LEU B 255 18.95 -3.99 -0.11
C LEU B 255 18.27 -5.06 0.73
N SER B 256 17.63 -6.04 0.08
CA SER B 256 17.00 -7.12 0.83
C SER B 256 18.04 -8.04 1.45
N LEU B 257 19.13 -8.32 0.72
CA LEU B 257 20.20 -9.13 1.27
C LEU B 257 20.80 -8.48 2.52
N VAL B 258 20.99 -7.16 2.47
CA VAL B 258 21.58 -6.46 3.62
C VAL B 258 20.65 -6.53 4.83
N GLU B 259 19.34 -6.38 4.60
CA GLU B 259 18.40 -6.47 5.71
C GLU B 259 18.39 -7.87 6.30
N MET B 260 18.37 -8.90 5.43
CA MET B 260 18.34 -10.27 5.93
C MET B 260 19.69 -10.70 6.52
N ALA B 261 20.79 -10.11 6.04
CA ALA B 261 22.10 -10.46 6.59
C ALA B 261 22.26 -9.92 8.01
N VAL B 262 21.79 -8.71 8.27
CA VAL B 262 21.96 -8.04 9.57
C VAL B 262 20.68 -8.00 10.39
N GLY B 263 19.60 -8.61 9.90
CA GLY B 263 18.36 -8.64 10.66
C GLY B 263 17.70 -7.30 10.94
N ARG B 264 17.86 -6.33 10.05
CA ARG B 264 17.40 -4.96 10.30
C ARG B 264 17.34 -4.22 8.98
N TYR B 265 16.24 -3.51 8.76
CA TYR B 265 16.10 -2.67 7.58
C TYR B 265 17.22 -1.63 7.60
N PRO B 266 18.07 -1.57 6.57
CA PRO B 266 19.33 -0.81 6.66
C PRO B 266 19.25 0.66 6.30
N ILE B 267 18.06 1.24 6.17
CA ILE B 267 17.91 2.68 5.98
C ILE B 267 17.21 3.24 7.22
N PRO B 268 17.90 4.02 8.07
CA PRO B 268 19.30 4.43 7.94
C PRO B 268 20.26 3.36 8.45
N PRO B 269 21.55 3.49 8.13
CA PRO B 269 22.49 2.47 8.57
C PRO B 269 22.55 2.38 10.07
N PRO B 270 22.95 1.24 10.62
CA PRO B 270 22.91 1.06 12.07
C PRO B 270 23.88 1.98 12.79
N ASP B 271 23.59 2.20 14.07
CA ASP B 271 24.39 3.07 14.92
C ASP B 271 25.73 2.43 15.24
N ALA B 272 26.66 3.26 15.72
CA ALA B 272 28.02 2.81 16.00
C ALA B 272 28.04 1.63 16.97
N LYS B 273 27.38 1.76 18.12
CA LYS B 273 27.33 0.67 19.09
C LYS B 273 26.11 -0.22 18.93
N GLU B 274 25.10 0.21 18.18
CA GLU B 274 24.08 -0.73 17.72
C GLU B 274 24.69 -1.82 16.87
N LEU B 275 25.81 -1.51 16.19
CA LEU B 275 26.41 -2.44 15.23
C LEU B 275 27.31 -3.45 15.91
N GLU B 276 28.09 -3.03 16.91
CA GLU B 276 28.85 -3.99 17.71
C GLU B 276 27.93 -4.87 18.55
N LEU B 277 26.68 -4.44 18.75
CA LEU B 277 25.62 -5.33 19.21
C LEU B 277 25.27 -6.27 18.06
N MET B 278 26.16 -7.19 17.74
CA MET B 278 26.01 -8.04 16.56
C MET B 278 25.91 -9.51 16.95
N PRO B 311 11.90 6.85 14.84
CA PRO B 311 11.78 6.04 13.62
C PRO B 311 11.58 6.92 12.38
N MET B 312 12.42 6.73 11.37
CA MET B 312 12.48 7.67 10.26
C MET B 312 11.16 7.70 9.49
N ALA B 313 10.79 8.91 9.06
CA ALA B 313 9.58 9.09 8.26
C ALA B 313 9.74 8.44 6.90
N ILE B 314 8.61 8.03 6.33
CA ILE B 314 8.63 7.36 5.03
C ILE B 314 9.28 8.24 3.97
N PHE B 315 9.07 9.56 4.09
CA PHE B 315 9.67 10.48 3.13
C PHE B 315 11.18 10.52 3.29
N GLU B 316 11.67 10.63 4.53
CA GLU B 316 13.10 10.76 4.74
C GLU B 316 13.85 9.50 4.36
N LEU B 317 13.21 8.33 4.47
CA LEU B 317 13.81 7.11 3.92
C LEU B 317 14.03 7.26 2.41
N LEU B 318 12.98 7.67 1.69
CA LEU B 318 13.11 7.92 0.27
C LEU B 318 14.15 9.00 -0.01
N ASP B 319 14.15 10.06 0.81
CA ASP B 319 15.14 11.11 0.64
C ASP B 319 16.54 10.60 0.95
N TYR B 320 16.66 9.69 1.94
CA TYR B 320 17.97 9.10 2.21
C TYR B 320 18.45 8.26 1.05
N ILE B 321 17.56 7.47 0.44
CA ILE B 321 17.95 6.63 -0.69
C ILE B 321 18.44 7.50 -1.84
N VAL B 322 17.79 8.63 -2.08
CA VAL B 322 18.08 9.42 -3.27
C VAL B 322 19.35 10.27 -3.09
N ASN B 323 19.63 10.76 -1.88
CA ASN B 323 20.71 11.74 -1.69
C ASN B 323 21.78 11.32 -0.69
N GLU B 324 21.71 10.12 -0.13
CA GLU B 324 22.73 9.72 0.81
C GLU B 324 23.48 8.50 0.28
N PRO B 325 24.73 8.30 0.70
CA PRO B 325 25.51 7.17 0.20
C PRO B 325 24.82 5.85 0.50
N PRO B 326 24.93 4.88 -0.40
CA PRO B 326 24.17 3.64 -0.25
C PRO B 326 24.60 2.89 1.00
N PRO B 327 23.73 2.05 1.55
CA PRO B 327 24.11 1.26 2.73
C PRO B 327 25.06 0.14 2.36
N LYS B 328 25.73 -0.39 3.37
CA LYS B 328 26.74 -1.42 3.15
C LYS B 328 26.71 -2.38 4.34
N LEU B 329 27.45 -3.47 4.19
CA LEU B 329 27.60 -4.42 5.29
C LEU B 329 28.73 -3.99 6.22
N PRO B 330 28.77 -4.54 7.44
CA PRO B 330 29.90 -4.28 8.32
C PRO B 330 31.15 -5.03 7.88
N SER B 331 32.31 -4.40 8.14
CA SER B 331 33.55 -4.88 7.56
C SER B 331 34.08 -6.15 8.22
N GLY B 332 33.64 -6.46 9.44
CA GLY B 332 34.26 -7.54 10.18
C GLY B 332 33.54 -8.87 10.13
N VAL B 333 32.25 -8.86 9.79
CA VAL B 333 31.42 -10.04 10.00
C VAL B 333 31.17 -10.85 8.73
N PHE B 334 31.31 -10.27 7.54
CA PHE B 334 30.99 -10.95 6.30
C PHE B 334 32.21 -10.96 5.38
N SER B 335 32.24 -11.96 4.49
CA SER B 335 33.37 -12.12 3.57
C SER B 335 33.48 -10.94 2.62
N LEU B 336 34.68 -10.74 2.08
CA LEU B 336 34.89 -9.63 1.16
C LEU B 336 34.11 -9.81 -0.12
N GLU B 337 34.03 -11.04 -0.63
CA GLU B 337 33.23 -11.30 -1.83
C GLU B 337 31.78 -10.92 -1.60
N PHE B 338 31.25 -11.21 -0.40
CA PHE B 338 29.87 -10.85 -0.10
C PHE B 338 29.72 -9.33 0.03
N GLN B 339 30.60 -8.69 0.80
CA GLN B 339 30.57 -7.23 0.91
C GLN B 339 30.68 -6.59 -0.47
N ASP B 340 31.50 -7.18 -1.34
CA ASP B 340 31.62 -6.66 -2.70
C ASP B 340 30.38 -6.97 -3.53
N PHE B 341 29.79 -8.16 -3.33
CA PHE B 341 28.61 -8.54 -4.10
C PHE B 341 27.43 -7.61 -3.85
N VAL B 342 27.23 -7.22 -2.59
CA VAL B 342 26.15 -6.29 -2.29
C VAL B 342 26.52 -4.84 -2.55
N ASN B 343 27.82 -4.54 -2.68
CA ASN B 343 28.22 -3.17 -3.03
C ASN B 343 27.98 -2.89 -4.50
N LYS B 344 28.29 -3.84 -5.37
CA LYS B 344 27.97 -3.68 -6.78
C LYS B 344 26.46 -3.66 -6.99
N CYS B 345 25.70 -4.30 -6.11
CA CYS B 345 24.25 -4.31 -6.21
C CYS B 345 23.62 -2.99 -5.77
N LEU B 346 24.35 -2.16 -5.02
CA LEU B 346 23.78 -0.97 -4.42
C LEU B 346 24.38 0.33 -4.95
N ILE B 347 25.03 0.28 -6.12
CA ILE B 347 25.52 1.51 -6.74
C ILE B 347 24.33 2.32 -7.21
N LYS B 348 24.32 3.62 -6.88
CA LYS B 348 23.13 4.43 -7.09
C LYS B 348 22.86 4.67 -8.57
N ASN B 349 23.89 4.89 -9.36
CA ASN B 349 23.71 5.01 -10.80
C ASN B 349 23.31 3.66 -11.38
N PRO B 350 22.12 3.54 -12.00
CA PRO B 350 21.68 2.23 -12.48
C PRO B 350 22.52 1.68 -13.62
N ALA B 351 23.23 2.54 -14.35
CA ALA B 351 24.08 2.03 -15.43
C ALA B 351 25.37 1.45 -14.87
N GLU B 352 26.01 2.16 -13.94
CA GLU B 352 27.20 1.62 -13.29
C GLU B 352 26.89 0.35 -12.49
N ARG B 353 25.67 0.24 -11.99
CA ARG B 353 25.27 -0.92 -11.19
C ARG B 353 25.46 -2.21 -11.97
N ALA B 354 25.71 -3.30 -11.24
CA ALA B 354 25.91 -4.59 -11.88
C ALA B 354 24.61 -5.09 -12.51
N ASP B 355 24.76 -5.90 -13.55
CA ASP B 355 23.62 -6.54 -14.21
C ASP B 355 23.66 -8.06 -13.97
N LEU B 356 22.64 -8.75 -14.49
CA LEU B 356 22.51 -10.17 -14.23
C LEU B 356 23.67 -10.97 -14.79
N LYS B 357 24.24 -10.53 -15.92
CA LYS B 357 25.37 -11.24 -16.49
C LYS B 357 26.58 -11.18 -15.55
N GLN B 358 26.81 -10.02 -14.94
CA GLN B 358 27.97 -9.87 -14.05
C GLN B 358 27.74 -10.58 -12.73
N LEU B 359 26.55 -10.39 -12.13
CA LEU B 359 26.27 -11.00 -10.84
C LEU B 359 26.32 -12.53 -10.90
N MET B 360 25.99 -13.10 -12.06
CA MET B 360 26.00 -14.55 -12.19
C MET B 360 27.41 -15.12 -12.00
N VAL B 361 28.42 -14.40 -12.48
CA VAL B 361 29.79 -14.86 -12.42
C VAL B 361 30.61 -14.09 -11.39
N HIS B 362 29.95 -13.43 -10.44
CA HIS B 362 30.65 -12.76 -9.36
C HIS B 362 31.33 -13.80 -8.46
N ALA B 363 32.40 -13.37 -7.79
CA ALA B 363 33.14 -14.27 -6.91
C ALA B 363 32.23 -14.86 -5.84
N PHE B 364 31.40 -14.03 -5.20
CA PHE B 364 30.52 -14.50 -4.14
C PHE B 364 29.55 -15.56 -4.65
N ILE B 365 29.02 -15.37 -5.86
CA ILE B 365 28.11 -16.37 -6.42
C ILE B 365 28.89 -17.61 -6.84
N LYS B 366 30.05 -17.43 -7.48
CA LYS B 366 30.87 -18.57 -7.87
C LYS B 366 31.16 -19.47 -6.67
N ARG B 367 31.45 -18.87 -5.51
CA ARG B 367 31.75 -19.65 -4.32
C ARG B 367 30.48 -20.27 -3.74
N SER B 368 29.47 -19.44 -3.49
CA SER B 368 28.23 -19.91 -2.89
C SER B 368 27.45 -20.87 -3.79
N ASP B 369 27.78 -20.93 -5.09
CA ASP B 369 27.22 -21.96 -5.95
C ASP B 369 27.93 -23.29 -5.76
N ALA B 370 29.22 -23.26 -5.43
CA ALA B 370 29.99 -24.48 -5.29
C ALA B 370 29.71 -25.17 -3.96
N GLU B 371 29.49 -24.40 -2.89
CA GLU B 371 29.26 -24.98 -1.58
C GLU B 371 27.99 -25.84 -1.58
N GLU B 372 27.96 -26.83 -0.69
CA GLU B 372 26.82 -27.71 -0.53
C GLU B 372 26.21 -27.48 0.85
N VAL B 373 25.53 -26.35 1.00
CA VAL B 373 24.83 -26.04 2.24
C VAL B 373 23.48 -26.77 2.25
N ASP B 374 23.06 -27.19 3.43
CA ASP B 374 21.78 -27.87 3.61
C ASP B 374 20.73 -26.80 3.90
N PHE B 375 20.17 -26.22 2.84
CA PHE B 375 19.18 -25.16 3.01
C PHE B 375 17.89 -25.70 3.61
N ALA B 376 17.44 -26.88 3.14
CA ALA B 376 16.18 -27.44 3.63
C ALA B 376 16.26 -27.73 5.12
N GLY B 377 17.36 -28.35 5.56
CA GLY B 377 17.54 -28.62 6.98
C GLY B 377 17.65 -27.34 7.81
N TRP B 378 18.27 -26.31 7.24
CA TRP B 378 18.39 -25.04 7.96
C TRP B 378 17.03 -24.36 8.12
N LEU B 379 16.15 -24.51 7.13
CA LEU B 379 14.86 -23.84 7.19
C LEU B 379 13.96 -24.48 8.25
N CYS B 380 13.76 -25.80 8.17
CA CYS B 380 12.91 -26.49 9.13
C CYS B 380 13.39 -26.28 10.56
N SER B 381 14.70 -26.30 10.76
CA SER B 381 15.26 -25.97 12.07
C SER B 381 14.89 -24.55 12.49
N THR B 382 14.95 -23.60 11.55
CA THR B 382 14.69 -22.20 11.86
C THR B 382 13.23 -21.94 12.17
N ILE B 383 12.30 -22.74 11.62
CA ILE B 383 10.88 -22.53 11.85
C ILE B 383 10.37 -23.43 12.96
N GLY B 384 10.59 -24.74 12.82
CA GLY B 384 10.09 -25.68 13.80
C GLY B 384 9.43 -26.87 13.15
N LEU B 385 9.89 -27.19 11.95
CA LEU B 385 9.37 -28.31 11.17
C LEU B 385 10.24 -29.54 11.37
N ASN B 386 9.66 -30.71 11.09
CA ASN B 386 10.39 -31.96 11.23
C ASN B 386 11.23 -32.23 9.98
N GLN B 387 12.30 -32.97 10.19
CA GLN B 387 13.27 -33.26 9.13
C GLN B 387 12.62 -34.02 7.97
#